data_4EE0
#
_entry.id   4EE0
#
_cell.length_a   48.612
_cell.length_b   77.876
_cell.length_c   52.560
_cell.angle_alpha   90.00
_cell.angle_beta   91.39
_cell.angle_gamma   90.00
#
_symmetry.space_group_name_H-M   'P 1 21 1'
#
loop_
_entity.id
_entity.type
_entity.pdbx_description
1 polymer 'Hematopoietic prostaglandin D synthase'
2 non-polymer 'MAGNESIUM ION'
3 non-polymer 4-(isoquinolin-1-yl)-N-[2-(morpholin-4-yl)ethyl]benzamide
4 non-polymer L-GAMMA-GLUTAMYL-3-SULFINO-L-ALANYLGLYCINE
5 water water
#
_entity_poly.entity_id   1
_entity_poly.type   'polypeptide(L)'
_entity_poly.pdbx_seq_one_letter_code
;HPNYKLTYFNMRGRAEIIRYIFAYLDIQYEDHRIEQADWPEIKSTLPFGKIPILEVDGLTLHQSLAIARYLTKNTDLAGN
TEMEQCHVDAIVDTLDDFMSCFPWAEKKQDVKEQMFNELLTYNAPHLMQDLDTYLGGREWLIGNSVTWADFYWEICSTTL
LVFKPDLLDNHPRLVTLRKKVQAIPAVANWIKRRPQTKL
;
_entity_poly.pdbx_strand_id   A,B
#
loop_
_chem_comp.id
_chem_comp.type
_chem_comp.name
_chem_comp.formula
0O4 non-polymer 4-(isoquinolin-1-yl)-N-[2-(morpholin-4-yl)ethyl]benzamide 'C22 H23 N3 O2'
GSF non-polymer L-GAMMA-GLUTAMYL-3-SULFINO-L-ALANYLGLYCINE 'C10 H17 N3 O8 S'
MG non-polymer 'MAGNESIUM ION' 'Mg 2'
#
# COMPACT_ATOMS: atom_id res chain seq x y z
N PRO A 2 8.61 0.90 24.51
CA PRO A 2 7.43 0.05 24.56
C PRO A 2 7.71 -1.45 24.34
N ASN A 3 6.88 -2.31 24.93
CA ASN A 3 6.92 -3.76 24.65
C ASN A 3 6.35 -4.04 23.26
N TYR A 4 7.15 -4.70 22.43
CA TYR A 4 6.75 -5.05 21.07
C TYR A 4 6.68 -6.57 20.91
N LYS A 5 5.55 -7.07 20.42
CA LYS A 5 5.40 -8.48 20.03
C LYS A 5 4.92 -8.58 18.59
N LEU A 6 5.77 -9.12 17.73
CA LEU A 6 5.43 -9.33 16.32
C LEU A 6 4.91 -10.75 16.15
N THR A 7 3.75 -10.89 15.50
CA THR A 7 3.21 -12.23 15.21
C THR A 7 3.11 -12.45 13.70
N TYR A 8 3.72 -13.53 13.22
CA TYR A 8 3.65 -13.91 11.81
C TYR A 8 3.97 -15.40 11.70
N PHE A 9 3.93 -15.91 10.48
CA PHE A 9 4.40 -17.27 10.22
C PHE A 9 5.92 -17.37 10.43
N ASN A 10 6.40 -18.61 10.47
CA ASN A 10 7.83 -18.87 10.42
C ASN A 10 8.31 -18.73 8.97
N MET A 11 8.52 -17.49 8.55
CA MET A 11 9.04 -17.16 7.24
C MET A 11 9.34 -15.68 7.23
N ARG A 12 10.10 -15.23 6.22
CA ARG A 12 10.39 -13.82 6.03
C ARG A 12 9.10 -13.10 5.62
N GLY A 13 8.59 -13.42 4.44
CA GLY A 13 7.34 -12.87 3.93
C GLY A 13 7.11 -11.39 4.21
N ARG A 14 5.89 -11.07 4.63
CA ARG A 14 5.49 -9.68 4.85
C ARG A 14 5.99 -9.11 6.19
N ALA A 15 6.42 -9.97 7.11
CA ALA A 15 6.94 -9.50 8.41
C ALA A 15 8.38 -9.02 8.33
N GLU A 16 9.14 -9.48 7.34
CA GLU A 16 10.58 -9.25 7.33
C GLU A 16 10.98 -7.77 7.32
N ILE A 17 10.20 -6.93 6.64
CA ILE A 17 10.50 -5.49 6.66
C ILE A 17 10.49 -4.94 8.09
N ILE A 18 9.53 -5.38 8.90
CA ILE A 18 9.43 -4.98 10.29
C ILE A 18 10.67 -5.50 11.06
N ARG A 19 11.06 -6.75 10.78
CA ARG A 19 12.20 -7.37 11.46
C ARG A 19 13.52 -6.64 11.14
N TYR A 20 13.69 -6.21 9.88
CA TYR A 20 14.87 -5.40 9.48
C TYR A 20 14.91 -4.08 10.24
N ILE A 21 13.75 -3.44 10.38
CA ILE A 21 13.64 -2.13 11.01
C ILE A 21 14.00 -2.22 12.51
N PHE A 22 13.45 -3.22 13.21
CA PHE A 22 13.81 -3.45 14.61
C PHE A 22 15.30 -3.72 14.78
N ALA A 23 15.87 -4.51 13.87
CA ALA A 23 17.28 -4.85 13.92
C ALA A 23 18.14 -3.59 13.77
N TYR A 24 17.85 -2.81 12.73
CA TYR A 24 18.58 -1.57 12.44
C TYR A 24 18.52 -0.55 13.58
N LEU A 25 17.34 -0.39 14.17
CA LEU A 25 17.13 0.59 15.24
C LEU A 25 17.45 0.01 16.62
N ASP A 26 17.94 -1.24 16.64
CA ASP A 26 18.33 -1.94 17.87
C ASP A 26 17.20 -1.93 18.89
N ILE A 27 16.01 -2.30 18.42
CA ILE A 27 14.84 -2.35 19.27
C ILE A 27 14.57 -3.82 19.56
N GLN A 28 14.54 -4.16 20.85
CA GLN A 28 14.21 -5.50 21.28
C GLN A 28 12.71 -5.74 21.11
N TYR A 29 12.37 -6.89 20.55
CA TYR A 29 11.00 -7.31 20.37
C TYR A 29 10.90 -8.81 20.48
N GLU A 30 9.67 -9.30 20.64
CA GLU A 30 9.39 -10.72 20.57
C GLU A 30 9.02 -11.09 19.13
N ASP A 31 9.85 -11.93 18.51
CA ASP A 31 9.60 -12.41 17.16
C ASP A 31 8.77 -13.69 17.24
N HIS A 32 7.46 -13.52 17.40
CA HIS A 32 6.58 -14.67 17.60
C HIS A 32 6.20 -15.30 16.25
N ARG A 33 6.64 -16.54 16.07
CA ARG A 33 6.38 -17.30 14.85
C ARG A 33 5.41 -18.46 15.07
N ILE A 34 4.31 -18.44 14.33
CA ILE A 34 3.33 -19.52 14.32
C ILE A 34 3.54 -20.35 13.04
N GLU A 35 3.03 -21.58 12.94
CA GLU A 35 2.15 -22.21 13.93
C GLU A 35 2.96 -22.85 15.06
N PRO A 40 -5.53 -21.78 12.33
CA PRO A 40 -6.97 -21.61 12.13
C PRO A 40 -7.67 -20.96 13.33
N GLU A 41 -7.16 -21.19 14.55
CA GLU A 41 -7.73 -20.59 15.75
C GLU A 41 -7.34 -19.12 15.89
N ILE A 42 -6.05 -18.84 15.69
CA ILE A 42 -5.51 -17.49 15.88
C ILE A 42 -6.11 -16.48 14.90
N LYS A 43 -6.44 -16.96 13.70
CA LYS A 43 -7.03 -16.13 12.64
C LYS A 43 -8.32 -15.43 13.08
N SER A 44 -9.12 -16.09 13.90
CA SER A 44 -10.38 -15.52 14.40
C SER A 44 -10.21 -14.39 15.43
N THR A 45 -9.00 -14.24 15.98
CA THR A 45 -8.71 -13.22 16.99
C THR A 45 -8.22 -11.88 16.40
N LEU A 46 -7.74 -11.92 15.16
CA LEU A 46 -7.06 -10.77 14.53
C LEU A 46 -8.07 -9.72 14.05
N PRO A 47 -7.66 -8.44 13.96
CA PRO A 47 -8.62 -7.39 13.61
C PRO A 47 -9.27 -7.57 12.23
N PHE A 48 -8.46 -7.96 11.26
CA PHE A 48 -8.94 -8.20 9.88
C PHE A 48 -8.56 -9.59 9.38
N GLY A 49 -8.33 -10.51 10.32
CA GLY A 49 -8.02 -11.90 10.00
C GLY A 49 -6.70 -12.15 9.28
N LYS A 50 -5.76 -11.20 9.36
CA LYS A 50 -4.50 -11.28 8.63
C LYS A 50 -3.29 -11.02 9.53
N ILE A 51 -2.18 -11.63 9.16
CA ILE A 51 -0.87 -11.35 9.76
C ILE A 51 0.09 -10.77 8.71
N PRO A 52 1.13 -10.02 9.14
CA PRO A 52 1.56 -9.78 10.51
C PRO A 52 0.67 -8.83 11.31
N ILE A 53 0.71 -9.00 12.62
CA ILE A 53 0.25 -7.98 13.56
C ILE A 53 1.41 -7.64 14.50
N LEU A 54 1.36 -6.44 15.06
CA LEU A 54 2.34 -6.00 16.04
C LEU A 54 1.60 -5.47 17.27
N GLU A 55 1.83 -6.10 18.41
CA GLU A 55 1.24 -5.65 19.65
C GLU A 55 2.21 -4.67 20.31
N VAL A 56 1.71 -3.48 20.63
CA VAL A 56 2.52 -2.41 21.19
C VAL A 56 1.91 -2.02 22.54
N ASP A 57 2.51 -2.52 23.62
CA ASP A 57 1.99 -2.35 24.99
C ASP A 57 0.49 -2.67 25.08
N GLY A 58 0.07 -3.81 24.53
CA GLY A 58 -1.35 -4.21 24.60
C GLY A 58 -2.29 -3.57 23.59
N LEU A 59 -1.73 -2.91 22.57
CA LEU A 59 -2.51 -2.39 21.46
C LEU A 59 -2.12 -3.16 20.21
N THR A 60 -3.10 -3.64 19.44
CA THR A 60 -2.82 -4.47 18.26
C THR A 60 -2.82 -3.66 16.97
N LEU A 61 -1.67 -3.63 16.31
CA LEU A 61 -1.51 -2.97 15.00
C LEU A 61 -1.50 -4.01 13.90
N HIS A 62 -1.93 -3.62 12.71
CA HIS A 62 -1.89 -4.52 11.55
C HIS A 62 -1.39 -3.76 10.31
N GLN A 63 -1.20 -4.52 9.23
CA GLN A 63 -0.65 -4.00 7.95
C GLN A 63 0.84 -3.74 8.04
N SER A 64 1.61 -4.60 7.39
CA SER A 64 3.06 -4.59 7.51
C SER A 64 3.71 -3.25 7.17
N LEU A 65 3.21 -2.57 6.13
CA LEU A 65 3.82 -1.31 5.71
C LEU A 65 3.35 -0.13 6.53
N ALA A 66 2.10 -0.17 7.01
CA ALA A 66 1.62 0.81 7.99
C ALA A 66 2.49 0.74 9.24
N ILE A 67 2.77 -0.47 9.69
CA ILE A 67 3.63 -0.69 10.87
C ILE A 67 5.09 -0.25 10.61
N ALA A 68 5.65 -0.68 9.49
CA ALA A 68 7.00 -0.28 9.07
C ALA A 68 7.16 1.24 9.05
N ARG A 69 6.17 1.94 8.49
CA ARG A 69 6.22 3.40 8.41
C ARG A 69 6.16 4.04 9.78
N TYR A 70 5.31 3.48 10.64
CA TYR A 70 5.19 3.93 12.02
C TYR A 70 6.52 3.81 12.80
N LEU A 71 7.19 2.69 12.64
CA LEU A 71 8.45 2.42 13.35
C LEU A 71 9.61 3.30 12.86
N THR A 72 9.54 3.76 11.61
CA THR A 72 10.61 4.59 11.02
C THR A 72 10.35 6.11 11.10
N LYS A 73 9.14 6.51 11.51
CA LYS A 73 8.82 7.93 11.78
C LYS A 73 9.89 8.55 12.68
N ASN A 74 10.43 9.69 12.26
CA ASN A 74 11.43 10.43 13.05
C ASN A 74 12.74 9.68 13.25
N THR A 75 13.03 8.71 12.38
CA THR A 75 14.31 8.01 12.39
C THR A 75 15.05 8.26 11.09
N ASP A 76 16.30 7.82 11.05
CA ASP A 76 17.16 8.02 9.89
C ASP A 76 16.76 7.15 8.68
N LEU A 77 15.88 6.16 8.91
CA LEU A 77 15.36 5.33 7.82
C LEU A 77 14.22 5.98 7.04
N ALA A 78 13.63 7.03 7.60
CA ALA A 78 12.62 7.79 6.87
C ALA A 78 13.30 8.70 5.84
N GLY A 79 12.54 9.14 4.84
CA GLY A 79 13.01 10.19 3.94
C GLY A 79 13.34 11.45 4.71
N ASN A 80 14.35 12.17 4.25
CA ASN A 80 14.83 13.38 4.92
C ASN A 80 13.95 14.61 4.67
N THR A 81 13.11 14.55 3.64
CA THR A 81 12.12 15.59 3.34
C THR A 81 10.76 14.94 3.08
N GLU A 82 9.72 15.75 3.06
CA GLU A 82 8.36 15.22 2.84
C GLU A 82 8.22 14.64 1.42
N MET A 83 8.90 15.23 0.43
CA MET A 83 8.89 14.67 -0.92
C MET A 83 9.67 13.35 -0.97
N GLU A 84 10.78 13.26 -0.25
CA GLU A 84 11.53 11.99 -0.15
C GLU A 84 10.69 10.91 0.50
N GLN A 85 9.95 11.27 1.54
CA GLN A 85 9.04 10.33 2.20
C GLN A 85 8.01 9.80 1.20
N CYS A 86 7.55 10.65 0.28
CA CYS A 86 6.60 10.25 -0.75
C CYS A 86 7.24 9.25 -1.71
N HIS A 87 8.48 9.51 -2.11
CA HIS A 87 9.20 8.58 -2.97
C HIS A 87 9.46 7.25 -2.26
N VAL A 88 9.80 7.31 -0.97
CA VAL A 88 9.97 6.10 -0.19
C VAL A 88 8.69 5.26 -0.21
N ASP A 89 7.55 5.91 0.07
CA ASP A 89 6.23 5.25 0.10
C ASP A 89 5.87 4.67 -1.26
N ALA A 90 6.17 5.43 -2.30
CA ALA A 90 5.83 5.03 -3.66
C ALA A 90 6.62 3.81 -4.10
N ILE A 91 7.93 3.79 -3.85
CA ILE A 91 8.74 2.63 -4.19
C ILE A 91 8.28 1.40 -3.42
N VAL A 92 7.99 1.55 -2.12
CA VAL A 92 7.50 0.44 -1.32
C VAL A 92 6.19 -0.14 -1.88
N ASP A 93 5.23 0.71 -2.23
CA ASP A 93 3.94 0.22 -2.77
C ASP A 93 4.13 -0.41 -4.15
N THR A 94 5.04 0.11 -4.96
CA THR A 94 5.32 -0.50 -6.26
C THR A 94 5.85 -1.92 -6.08
N LEU A 95 6.76 -2.11 -5.13
CA LEU A 95 7.29 -3.43 -4.79
C LEU A 95 6.17 -4.30 -4.22
N ASP A 96 5.41 -3.73 -3.28
CA ASP A 96 4.37 -4.51 -2.61
C ASP A 96 3.28 -4.94 -3.58
N ASP A 97 2.88 -4.02 -4.48
CA ASP A 97 1.93 -4.31 -5.56
C ASP A 97 2.35 -5.54 -6.36
N PHE A 98 3.60 -5.57 -6.79
CA PHE A 98 4.09 -6.67 -7.61
C PHE A 98 4.12 -7.98 -6.84
N MET A 99 4.66 -7.96 -5.63
CA MET A 99 4.73 -9.18 -4.82
C MET A 99 3.32 -9.69 -4.52
N SER A 100 2.38 -8.78 -4.32
CA SER A 100 0.99 -9.15 -4.03
C SER A 100 0.27 -9.81 -5.22
N CYS A 101 0.79 -9.64 -6.43
CA CYS A 101 0.21 -10.28 -7.63
C CYS A 101 0.40 -11.80 -7.65
N PHE A 102 1.42 -12.30 -6.95
CA PHE A 102 1.72 -13.73 -6.95
C PHE A 102 0.66 -14.50 -6.15
N PRO A 103 0.18 -15.63 -6.69
CA PRO A 103 -0.83 -16.46 -6.01
C PRO A 103 -0.19 -17.39 -4.99
N TRP A 104 0.33 -16.82 -3.90
CA TRP A 104 1.10 -17.58 -2.89
C TRP A 104 0.33 -18.73 -2.28
N ALA A 105 -0.98 -18.53 -2.12
CA ALA A 105 -1.84 -19.49 -1.44
C ALA A 105 -2.68 -20.33 -2.41
N GLU A 106 -2.36 -20.28 -3.70
CA GLU A 106 -3.09 -21.07 -4.70
C GLU A 106 -2.78 -22.56 -4.53
N LYS A 107 -3.83 -23.38 -4.48
CA LYS A 107 -3.70 -24.81 -4.24
C LYS A 107 -3.55 -25.60 -5.54
N LYS A 108 -4.18 -25.11 -6.61
CA LYS A 108 -4.03 -25.74 -7.94
C LYS A 108 -2.62 -25.45 -8.46
N GLN A 109 -1.81 -26.49 -8.58
CA GLN A 109 -0.39 -26.34 -8.89
C GLN A 109 -0.14 -25.85 -10.33
N ASP A 110 -0.93 -26.31 -11.29
CA ASP A 110 -0.77 -25.83 -12.67
C ASP A 110 -1.12 -24.34 -12.80
N VAL A 111 -2.21 -23.92 -12.16
CA VAL A 111 -2.62 -22.51 -12.15
C VAL A 111 -1.54 -21.67 -11.50
N LYS A 112 -1.03 -22.14 -10.36
CA LYS A 112 0.03 -21.43 -9.65
C LYS A 112 1.27 -21.28 -10.52
N GLU A 113 1.70 -22.36 -11.17
CA GLU A 113 2.91 -22.35 -11.99
C GLU A 113 2.80 -21.43 -13.21
N GLN A 114 1.63 -21.44 -13.87
CA GLN A 114 1.40 -20.56 -15.01
C GLN A 114 1.52 -19.08 -14.58
N MET A 115 0.89 -18.74 -13.45
CA MET A 115 0.83 -17.36 -12.97
C MET A 115 2.21 -16.88 -12.50
N PHE A 116 2.90 -17.69 -11.69
CA PHE A 116 4.29 -17.37 -11.29
C PHE A 116 5.19 -17.14 -12.50
N ASN A 117 5.10 -18.03 -13.48
CA ASN A 117 5.92 -17.93 -14.69
C ASN A 117 5.65 -16.67 -15.50
N GLU A 118 4.37 -16.36 -15.68
CA GLU A 118 3.98 -15.15 -16.42
C GLU A 118 4.55 -13.91 -15.74
N LEU A 119 4.37 -13.84 -14.42
CA LEU A 119 4.85 -12.69 -13.66
C LEU A 119 6.36 -12.56 -13.68
N LEU A 120 7.07 -13.68 -13.62
CA LEU A 120 8.54 -13.66 -13.53
C LEU A 120 9.21 -13.44 -14.89
N THR A 121 8.60 -13.93 -15.95
CA THR A 121 9.21 -13.87 -17.29
C THR A 121 8.74 -12.64 -18.08
N TYR A 122 7.51 -12.18 -17.84
CA TYR A 122 6.99 -11.00 -18.53
C TYR A 122 7.01 -9.72 -17.67
N ASN A 123 6.37 -9.75 -16.51
CA ASN A 123 6.21 -8.55 -15.69
C ASN A 123 7.49 -8.12 -14.99
N ALA A 124 8.16 -9.07 -14.35
CA ALA A 124 9.32 -8.78 -13.50
C ALA A 124 10.45 -8.05 -14.20
N PRO A 125 10.84 -8.51 -15.41
CA PRO A 125 11.93 -7.82 -16.11
C PRO A 125 11.64 -6.34 -16.37
N HIS A 126 10.39 -6.00 -16.69
CA HIS A 126 10.00 -4.60 -16.86
C HIS A 126 10.16 -3.80 -15.57
N LEU A 127 9.77 -4.39 -14.45
CA LEU A 127 9.89 -3.72 -13.16
C LEU A 127 11.36 -3.53 -12.81
N MET A 128 12.17 -4.56 -13.02
CA MET A 128 13.61 -4.45 -12.75
C MET A 128 14.21 -3.31 -13.57
N GLN A 129 13.88 -3.26 -14.86
CA GLN A 129 14.30 -2.17 -15.73
C GLN A 129 13.90 -0.80 -15.16
N ASP A 130 12.65 -0.65 -14.75
CA ASP A 130 12.17 0.62 -14.19
C ASP A 130 12.87 1.00 -12.89
N LEU A 131 13.11 0.02 -12.02
CA LEU A 131 13.81 0.27 -10.76
C LEU A 131 15.27 0.67 -11.00
N ASP A 132 15.91 0.02 -11.96
CA ASP A 132 17.31 0.30 -12.30
C ASP A 132 17.44 1.72 -12.84
N THR A 133 16.57 2.09 -13.78
CA THR A 133 16.58 3.43 -14.34
C THR A 133 16.26 4.46 -13.26
N TYR A 134 15.34 4.11 -12.35
CA TYR A 134 14.97 4.98 -11.23
C TYR A 134 16.19 5.24 -10.33
N LEU A 135 16.91 4.18 -10.00
CA LEU A 135 18.12 4.29 -9.17
C LEU A 135 19.20 5.10 -9.88
N GLY A 136 19.38 4.86 -11.17
CA GLY A 136 20.46 5.48 -11.92
C GLY A 136 21.81 5.17 -11.27
N GLY A 137 22.69 6.16 -11.23
CA GLY A 137 23.99 5.99 -10.60
C GLY A 137 24.04 6.43 -9.14
N ARG A 138 22.88 6.58 -8.50
CA ARG A 138 22.80 7.11 -7.14
C ARG A 138 23.08 6.02 -6.11
N GLU A 139 23.41 6.43 -4.88
CA GLU A 139 23.90 5.51 -3.85
C GLU A 139 22.77 4.62 -3.30
N TRP A 140 21.62 5.24 -3.07
CA TRP A 140 20.45 4.56 -2.53
C TRP A 140 19.23 4.98 -3.36
N LEU A 141 18.11 4.30 -3.15
CA LEU A 141 16.90 4.57 -3.95
C LEU A 141 16.33 5.98 -3.79
N ILE A 142 16.30 6.48 -2.56
CA ILE A 142 15.81 7.84 -2.30
C ILE A 142 16.86 8.61 -1.51
N GLY A 143 17.18 9.81 -2.00
CA GLY A 143 18.10 10.70 -1.30
C GLY A 143 19.52 10.18 -1.19
N ASN A 144 20.25 10.68 -0.19
CA ASN A 144 21.68 10.43 -0.07
C ASN A 144 22.04 9.34 0.95
N SER A 145 21.04 8.75 1.60
CA SER A 145 21.27 7.73 2.61
C SER A 145 20.20 6.65 2.56
N VAL A 146 20.46 5.54 3.26
CA VAL A 146 19.58 4.40 3.25
C VAL A 146 18.21 4.74 3.84
N THR A 147 17.15 4.26 3.20
CA THR A 147 15.80 4.33 3.75
C THR A 147 15.23 2.93 3.83
N TRP A 148 14.04 2.81 4.42
CA TRP A 148 13.40 1.51 4.49
C TRP A 148 12.89 1.03 3.10
N ALA A 149 12.86 1.91 2.10
CA ALA A 149 12.65 1.46 0.72
C ALA A 149 13.79 0.54 0.22
N ASP A 150 15.03 0.88 0.57
CA ASP A 150 16.18 0.06 0.19
C ASP A 150 16.07 -1.32 0.86
N PHE A 151 15.67 -1.34 2.13
CA PHE A 151 15.44 -2.61 2.85
C PHE A 151 14.42 -3.45 2.08
N TYR A 152 13.32 -2.81 1.69
CA TYR A 152 12.22 -3.52 1.06
C TYR A 152 12.61 -4.04 -0.31
N TRP A 153 13.40 -3.27 -1.06
CA TRP A 153 13.98 -3.78 -2.30
C TRP A 153 14.76 -5.08 -2.06
N GLU A 154 15.65 -5.06 -1.08
CA GLU A 154 16.49 -6.22 -0.81
C GLU A 154 15.65 -7.42 -0.38
N ILE A 155 14.63 -7.17 0.43
CA ILE A 155 13.75 -8.21 0.93
C ILE A 155 12.95 -8.86 -0.21
N CYS A 156 12.31 -8.03 -1.03
CA CYS A 156 11.50 -8.54 -2.13
C CYS A 156 12.34 -9.25 -3.20
N SER A 157 13.47 -8.65 -3.57
CA SER A 157 14.34 -9.25 -4.59
C SER A 157 14.94 -10.58 -4.13
N THR A 158 15.23 -10.72 -2.83
CA THR A 158 15.72 -11.99 -2.30
C THR A 158 14.72 -13.11 -2.58
N THR A 159 13.44 -12.86 -2.32
CA THR A 159 12.42 -13.88 -2.59
C THR A 159 12.24 -14.12 -4.09
N LEU A 160 12.25 -13.04 -4.89
CA LEU A 160 12.12 -13.19 -6.35
C LEU A 160 13.26 -14.04 -6.93
N LEU A 161 14.47 -13.83 -6.43
CA LEU A 161 15.65 -14.58 -6.88
C LEU A 161 15.57 -16.08 -6.62
N VAL A 162 14.82 -16.48 -5.59
CA VAL A 162 14.56 -17.89 -5.32
C VAL A 162 13.88 -18.55 -6.53
N PHE A 163 12.95 -17.83 -7.14
CA PHE A 163 12.16 -18.35 -8.28
C PHE A 163 12.75 -18.02 -9.65
N LYS A 164 13.53 -16.93 -9.73
CA LYS A 164 14.16 -16.53 -10.97
C LYS A 164 15.60 -16.08 -10.68
N PRO A 165 16.53 -17.05 -10.58
CA PRO A 165 17.93 -16.75 -10.26
C PRO A 165 18.62 -15.71 -11.16
N ASP A 166 18.22 -15.66 -12.44
CA ASP A 166 18.82 -14.72 -13.40
C ASP A 166 18.13 -13.34 -13.44
N LEU A 167 17.25 -13.08 -12.48
CA LEU A 167 16.46 -11.84 -12.44
C LEU A 167 17.28 -10.56 -12.67
N LEU A 168 18.45 -10.48 -12.04
CA LEU A 168 19.25 -9.25 -12.05
C LEU A 168 20.56 -9.33 -12.86
N ASP A 169 20.66 -10.31 -13.76
CA ASP A 169 21.87 -10.47 -14.58
C ASP A 169 22.18 -9.22 -15.43
N ASN A 170 21.14 -8.51 -15.85
CA ASN A 170 21.28 -7.28 -16.63
C ASN A 170 21.26 -6.00 -15.77
N HIS A 171 21.28 -6.16 -14.45
CA HIS A 171 21.10 -5.04 -13.54
C HIS A 171 22.12 -5.07 -12.40
N PRO A 172 23.41 -4.93 -12.75
CA PRO A 172 24.44 -4.94 -11.70
C PRO A 172 24.28 -3.83 -10.65
N ARG A 173 23.70 -2.69 -11.03
CA ARG A 173 23.45 -1.61 -10.06
C ARG A 173 22.43 -2.02 -9.00
N LEU A 174 21.44 -2.84 -9.40
CA LEU A 174 20.47 -3.38 -8.45
C LEU A 174 21.07 -4.46 -7.53
N VAL A 175 22.02 -5.22 -8.06
CA VAL A 175 22.78 -6.17 -7.25
C VAL A 175 23.66 -5.42 -6.23
N THR A 176 24.36 -4.39 -6.70
CA THR A 176 25.17 -3.57 -5.80
C THR A 176 24.33 -3.00 -4.65
N LEU A 177 23.12 -2.52 -4.93
CA LEU A 177 22.23 -2.03 -3.88
C LEU A 177 21.85 -3.10 -2.86
N ARG A 178 21.52 -4.30 -3.35
CA ARG A 178 21.24 -5.43 -2.45
C ARG A 178 22.40 -5.68 -1.50
N LYS A 179 23.60 -5.76 -2.06
CA LYS A 179 24.82 -6.00 -1.28
C LYS A 179 25.09 -4.89 -0.26
N LYS A 180 24.82 -3.64 -0.63
CA LYS A 180 24.97 -2.53 0.31
C LYS A 180 24.01 -2.66 1.51
N VAL A 181 22.77 -3.08 1.25
CA VAL A 181 21.79 -3.29 2.33
C VAL A 181 22.25 -4.43 3.23
N GLN A 182 22.66 -5.52 2.60
CA GLN A 182 23.18 -6.69 3.30
C GLN A 182 24.49 -6.42 4.07
N ALA A 183 25.22 -5.38 3.67
CA ALA A 183 26.45 -4.97 4.34
C ALA A 183 26.25 -4.06 5.57
N ILE A 184 25.05 -3.50 5.74
CA ILE A 184 24.78 -2.66 6.91
C ILE A 184 24.94 -3.57 8.15
N PRO A 185 25.83 -3.22 9.10
CA PRO A 185 26.17 -4.13 10.21
C PRO A 185 24.97 -4.77 10.92
N ALA A 186 23.98 -3.96 11.30
CA ALA A 186 22.79 -4.45 12.01
C ALA A 186 21.96 -5.40 11.16
N VAL A 187 21.85 -5.08 9.87
CA VAL A 187 21.11 -5.91 8.92
C VAL A 187 21.88 -7.20 8.66
N ALA A 188 23.19 -7.09 8.43
CA ALA A 188 24.04 -8.27 8.23
C ALA A 188 23.93 -9.24 9.41
N ASN A 189 23.93 -8.69 10.62
CA ASN A 189 23.82 -9.52 11.83
C ASN A 189 22.47 -10.25 11.89
N TRP A 190 21.40 -9.55 11.57
CA TRP A 190 20.06 -10.17 11.52
C TRP A 190 20.01 -11.26 10.44
N ILE A 191 20.49 -10.94 9.25
CA ILE A 191 20.52 -11.92 8.16
C ILE A 191 21.26 -13.20 8.58
N LYS A 192 22.35 -13.07 9.33
CA LYS A 192 23.10 -14.27 9.70
C LYS A 192 22.47 -15.07 10.85
N ARG A 193 21.67 -14.42 11.69
CA ARG A 193 21.07 -15.09 12.87
C ARG A 193 19.61 -15.52 12.73
N ARG A 194 18.92 -15.00 11.72
CA ARG A 194 17.48 -15.24 11.54
C ARG A 194 17.22 -16.67 11.10
N PRO A 195 16.00 -17.19 11.34
CA PRO A 195 15.71 -18.52 10.84
C PRO A 195 15.79 -18.61 9.32
N GLN A 196 16.40 -19.68 8.83
CA GLN A 196 16.57 -19.90 7.41
C GLN A 196 15.33 -20.60 6.86
N THR A 197 14.52 -19.84 6.13
CA THR A 197 13.30 -20.34 5.51
C THR A 197 13.35 -20.02 4.03
N LYS A 198 12.56 -20.75 3.23
CA LYS A 198 12.57 -20.56 1.79
C LYS A 198 12.06 -19.16 1.45
N LEU A 199 10.90 -18.84 2.01
CA LEU A 199 10.18 -17.60 1.70
C LEU A 199 10.12 -16.67 2.92
N HIS B 1 2.97 27.20 -2.21
CA HIS B 1 1.81 26.55 -2.88
C HIS B 1 2.22 26.15 -4.31
N PRO B 2 2.46 24.84 -4.52
CA PRO B 2 2.98 24.37 -5.82
C PRO B 2 1.93 24.24 -6.92
N ASN B 3 2.40 24.08 -8.16
CA ASN B 3 1.54 23.73 -9.28
C ASN B 3 1.30 22.22 -9.30
N TYR B 4 0.03 21.82 -9.24
CA TYR B 4 -0.35 20.41 -9.20
C TYR B 4 -1.06 20.02 -10.48
N LYS B 5 -0.58 18.97 -11.13
CA LYS B 5 -1.28 18.36 -12.28
C LYS B 5 -1.47 16.87 -12.03
N LEU B 6 -2.72 16.47 -11.81
CA LEU B 6 -3.07 15.07 -11.57
C LEU B 6 -3.45 14.43 -12.90
N THR B 7 -2.77 13.35 -13.28
CA THR B 7 -3.07 12.64 -14.52
C THR B 7 -3.67 11.25 -14.23
N TYR B 8 -4.85 11.00 -14.80
CA TYR B 8 -5.55 9.70 -14.66
C TYR B 8 -6.55 9.54 -15.81
N PHE B 9 -7.22 8.39 -15.86
CA PHE B 9 -8.32 8.19 -16.79
C PHE B 9 -9.52 9.01 -16.33
N ASN B 10 -10.48 9.20 -17.23
CA ASN B 10 -11.73 9.85 -16.91
C ASN B 10 -12.63 8.92 -16.08
N MET B 11 -12.31 8.85 -14.80
CA MET B 11 -13.04 8.03 -13.86
C MET B 11 -12.58 8.37 -12.45
N ARG B 12 -13.35 7.95 -11.46
CA ARG B 12 -12.98 8.15 -10.06
C ARG B 12 -11.74 7.31 -9.78
N GLY B 13 -11.93 5.99 -9.84
CA GLY B 13 -10.85 5.01 -9.71
C GLY B 13 -9.89 5.28 -8.57
N ARG B 14 -8.60 5.06 -8.85
CA ARG B 14 -7.55 5.29 -7.86
C ARG B 14 -7.16 6.74 -7.68
N ALA B 15 -7.63 7.63 -8.56
CA ALA B 15 -7.28 9.05 -8.43
C ALA B 15 -8.21 9.79 -7.47
N GLU B 16 -9.39 9.22 -7.22
CA GLU B 16 -10.43 9.95 -6.49
C GLU B 16 -10.04 10.36 -5.06
N ILE B 17 -9.28 9.51 -4.37
CA ILE B 17 -8.80 9.88 -3.02
C ILE B 17 -8.00 11.19 -3.03
N ILE B 18 -7.20 11.35 -4.08
CA ILE B 18 -6.39 12.56 -4.27
C ILE B 18 -7.31 13.74 -4.56
N ARG B 19 -8.31 13.53 -5.41
CA ARG B 19 -9.27 14.58 -5.73
C ARG B 19 -10.08 15.02 -4.50
N TYR B 20 -10.41 14.09 -3.60
CA TYR B 20 -11.08 14.45 -2.33
C TYR B 20 -10.18 15.32 -1.47
N ILE B 21 -8.92 14.91 -1.37
CA ILE B 21 -7.95 15.64 -0.55
C ILE B 21 -7.75 17.07 -1.07
N PHE B 22 -7.60 17.24 -2.39
CA PHE B 22 -7.46 18.58 -2.97
C PHE B 22 -8.70 19.44 -2.67
N ALA B 23 -9.88 18.82 -2.79
CA ALA B 23 -11.14 19.49 -2.52
C ALA B 23 -11.21 19.96 -1.06
N TYR B 24 -10.94 19.05 -0.13
CA TYR B 24 -11.04 19.34 1.30
C TYR B 24 -10.04 20.43 1.72
N LEU B 25 -8.84 20.37 1.17
CA LEU B 25 -7.79 21.34 1.50
C LEU B 25 -7.89 22.63 0.67
N ASP B 26 -8.85 22.65 -0.25
CA ASP B 26 -9.09 23.79 -1.14
C ASP B 26 -7.82 24.15 -1.91
N ILE B 27 -7.23 23.13 -2.52
CA ILE B 27 -6.03 23.26 -3.31
C ILE B 27 -6.40 23.25 -4.78
N GLN B 28 -5.93 24.26 -5.53
CA GLN B 28 -6.14 24.31 -6.97
C GLN B 28 -5.24 23.29 -7.66
N TYR B 29 -5.81 22.54 -8.58
CA TYR B 29 -5.04 21.57 -9.35
C TYR B 29 -5.66 21.37 -10.72
N GLU B 30 -4.85 20.91 -11.67
CA GLU B 30 -5.33 20.51 -12.98
C GLU B 30 -5.74 19.05 -12.90
N ASP B 31 -7.02 18.79 -13.14
CA ASP B 31 -7.54 17.43 -13.14
C ASP B 31 -7.47 16.90 -14.57
N HIS B 32 -6.31 16.34 -14.93
CA HIS B 32 -6.04 15.92 -16.30
C HIS B 32 -6.55 14.50 -16.51
N ARG B 33 -7.64 14.38 -17.25
CA ARG B 33 -8.25 13.08 -17.55
C ARG B 33 -7.96 12.73 -18.99
N ILE B 34 -7.25 11.61 -19.21
CA ILE B 34 -6.74 11.28 -20.54
C ILE B 34 -7.71 10.38 -21.33
N ALA B 37 -6.46 6.79 -26.10
CA ALA B 37 -5.71 7.27 -27.25
C ALA B 37 -4.42 8.01 -26.85
N ASP B 38 -4.48 8.76 -25.76
CA ASP B 38 -3.33 9.53 -25.26
C ASP B 38 -2.37 8.66 -24.44
N TRP B 39 -2.87 7.52 -23.95
CA TRP B 39 -2.21 6.78 -22.87
C TRP B 39 -0.84 6.21 -23.24
N PRO B 40 -0.71 5.56 -24.43
CA PRO B 40 0.59 5.02 -24.82
C PRO B 40 1.74 6.01 -24.70
N GLU B 41 1.58 7.22 -25.25
CA GLU B 41 2.61 8.25 -25.16
C GLU B 41 2.87 8.63 -23.71
N ILE B 42 1.82 8.95 -22.96
CA ILE B 42 1.98 9.37 -21.57
C ILE B 42 2.65 8.27 -20.74
N LYS B 43 2.15 7.05 -20.87
CA LYS B 43 2.70 5.88 -20.18
C LYS B 43 4.21 5.74 -20.39
N SER B 44 4.66 6.03 -21.61
CA SER B 44 6.08 5.86 -21.96
C SER B 44 7.00 6.91 -21.30
N THR B 45 6.44 7.97 -20.73
CA THR B 45 7.24 9.02 -20.10
C THR B 45 7.32 8.84 -18.58
N LEU B 46 6.54 7.91 -18.04
CA LEU B 46 6.44 7.74 -16.59
C LEU B 46 7.49 6.75 -16.07
N PRO B 47 8.22 7.13 -15.01
CA PRO B 47 9.18 6.20 -14.38
C PRO B 47 8.65 4.76 -14.15
N PHE B 48 7.39 4.59 -13.76
CA PHE B 48 6.86 3.23 -13.52
C PHE B 48 5.66 2.81 -14.38
N GLY B 49 5.31 3.62 -15.37
CA GLY B 49 4.30 3.27 -16.38
C GLY B 49 2.87 3.07 -15.90
N LYS B 50 2.54 3.61 -14.73
CA LYS B 50 1.19 3.48 -14.21
C LYS B 50 0.63 4.80 -13.72
N ILE B 51 -0.69 4.90 -13.72
CA ILE B 51 -1.37 6.09 -13.23
C ILE B 51 -2.26 5.70 -12.05
N PRO B 52 -2.58 6.67 -11.15
CA PRO B 52 -2.33 8.10 -11.27
C PRO B 52 -0.88 8.51 -11.03
N ILE B 53 -0.51 9.64 -11.61
CA ILE B 53 0.68 10.36 -11.21
C ILE B 53 0.27 11.77 -10.87
N LEU B 54 1.08 12.44 -10.05
CA LEU B 54 0.86 13.83 -9.69
C LEU B 54 2.16 14.57 -9.99
N GLU B 55 2.09 15.57 -10.85
CA GLU B 55 3.24 16.40 -11.15
C GLU B 55 3.21 17.59 -10.20
N VAL B 56 4.26 17.73 -9.41
CA VAL B 56 4.41 18.81 -8.44
C VAL B 56 5.52 19.74 -8.93
N ASP B 57 5.13 20.92 -9.44
CA ASP B 57 6.06 21.80 -10.13
C ASP B 57 6.93 21.02 -11.13
N GLY B 58 6.29 20.13 -11.88
CA GLY B 58 6.96 19.41 -12.96
C GLY B 58 7.66 18.12 -12.57
N LEU B 59 7.72 17.84 -11.27
CA LEU B 59 8.34 16.61 -10.77
C LEU B 59 7.23 15.56 -10.60
N THR B 60 7.43 14.40 -11.20
CA THR B 60 6.40 13.37 -11.26
C THR B 60 6.41 12.47 -10.02
N LEU B 61 5.33 12.52 -9.26
CA LEU B 61 5.10 11.60 -8.16
C LEU B 61 4.15 10.51 -8.62
N HIS B 62 4.30 9.31 -8.06
CA HIS B 62 3.40 8.19 -8.40
C HIS B 62 2.94 7.46 -7.15
N GLN B 63 2.03 6.50 -7.36
CA GLN B 63 1.38 5.70 -6.31
C GLN B 63 0.33 6.52 -5.56
N SER B 64 -0.94 6.21 -5.83
CA SER B 64 -2.07 7.00 -5.34
C SER B 64 -2.04 7.27 -3.84
N LEU B 65 -1.67 6.26 -3.04
CA LEU B 65 -1.67 6.39 -1.58
C LEU B 65 -0.42 7.07 -1.05
N ALA B 66 0.73 6.87 -1.70
CA ALA B 66 1.93 7.65 -1.38
C ALA B 66 1.63 9.14 -1.58
N ILE B 67 0.96 9.45 -2.69
CA ILE B 67 0.61 10.82 -3.04
C ILE B 67 -0.40 11.41 -2.04
N ALA B 68 -1.45 10.65 -1.75
CA ALA B 68 -2.47 11.06 -0.77
C ALA B 68 -1.85 11.35 0.61
N ARG B 69 -0.94 10.48 1.05
CA ARG B 69 -0.29 10.64 2.35
C ARG B 69 0.59 11.89 2.36
N TYR B 70 1.32 12.09 1.27
CA TYR B 70 2.13 13.30 1.09
C TYR B 70 1.30 14.58 1.24
N LEU B 71 0.19 14.64 0.50
CA LEU B 71 -0.69 15.81 0.51
C LEU B 71 -1.36 16.05 1.86
N THR B 72 -1.55 14.99 2.65
CA THR B 72 -2.20 15.13 3.95
C THR B 72 -1.23 15.35 5.13
N LYS B 73 0.08 15.27 4.88
CA LYS B 73 1.08 15.49 5.94
C LYS B 73 0.89 16.89 6.54
N ASN B 74 0.86 16.95 7.87
CA ASN B 74 0.66 18.20 8.61
C ASN B 74 -0.72 18.82 8.45
N THR B 75 -1.68 18.08 7.91
CA THR B 75 -3.07 18.54 7.82
C THR B 75 -3.94 17.78 8.82
N ASP B 76 -5.17 18.24 9.00
CA ASP B 76 -6.11 17.60 9.92
C ASP B 76 -6.70 16.30 9.35
N LEU B 77 -6.27 15.90 8.16
CA LEU B 77 -6.70 14.60 7.59
C LEU B 77 -5.76 13.44 7.91
N ALA B 78 -4.57 13.74 8.43
CA ALA B 78 -3.49 12.74 8.60
C ALA B 78 -3.67 11.72 9.74
N GLY B 79 -4.33 12.14 10.82
CA GLY B 79 -4.30 11.42 12.08
C GLY B 79 -3.60 12.32 13.10
N ASN B 80 -4.12 12.38 14.33
CA ASN B 80 -3.71 13.37 15.34
C ASN B 80 -2.39 13.04 16.06
N THR B 81 -2.00 11.77 16.04
CA THR B 81 -0.74 11.28 16.60
C THR B 81 -0.04 10.32 15.65
N GLU B 82 1.20 9.97 15.97
CA GLU B 82 1.92 8.98 15.18
C GLU B 82 1.19 7.64 15.16
N MET B 83 0.61 7.26 16.30
CA MET B 83 -0.17 6.03 16.39
C MET B 83 -1.44 6.10 15.54
N GLU B 84 -2.16 7.23 15.58
CA GLU B 84 -3.36 7.38 14.73
C GLU B 84 -2.99 7.31 13.27
N GLN B 85 -1.84 7.89 12.92
CA GLN B 85 -1.36 7.85 11.54
C GLN B 85 -1.14 6.41 11.06
N CYS B 86 -0.67 5.57 11.98
CA CYS B 86 -0.54 4.13 11.69
C CYS B 86 -1.89 3.51 11.44
N HIS B 87 -2.84 3.78 12.34
CA HIS B 87 -4.20 3.27 12.17
C HIS B 87 -4.80 3.71 10.82
N VAL B 88 -4.62 4.98 10.46
CA VAL B 88 -5.13 5.50 9.18
C VAL B 88 -4.51 4.74 8.01
N ASP B 89 -3.18 4.58 8.04
CA ASP B 89 -2.47 3.86 6.98
C ASP B 89 -2.91 2.41 6.87
N ALA B 90 -3.14 1.76 8.02
CA ALA B 90 -3.58 0.35 8.07
C ALA B 90 -4.97 0.17 7.47
N ILE B 91 -5.90 1.03 7.85
CA ILE B 91 -7.25 0.98 7.26
C ILE B 91 -7.19 1.24 5.76
N VAL B 92 -6.41 2.22 5.32
CA VAL B 92 -6.31 2.51 3.90
C VAL B 92 -5.72 1.29 3.12
N ASP B 93 -4.71 0.64 3.67
CA ASP B 93 -4.10 -0.51 2.98
C ASP B 93 -5.04 -1.73 2.98
N THR B 94 -5.82 -1.90 4.04
CA THR B 94 -6.80 -2.98 4.09
C THR B 94 -7.84 -2.79 3.01
N LEU B 95 -8.30 -1.56 2.84
CA LEU B 95 -9.24 -1.24 1.75
C LEU B 95 -8.57 -1.39 0.38
N ASP B 96 -7.37 -0.86 0.23
CA ASP B 96 -6.67 -0.94 -1.07
C ASP B 96 -6.40 -2.41 -1.46
N ASP B 97 -5.99 -3.23 -0.49
CA ASP B 97 -5.76 -4.66 -0.69
C ASP B 97 -6.97 -5.32 -1.31
N PHE B 98 -8.15 -5.05 -0.74
CA PHE B 98 -9.37 -5.70 -1.22
C PHE B 98 -9.74 -5.23 -2.61
N MET B 99 -9.72 -3.92 -2.81
CA MET B 99 -10.06 -3.34 -4.11
C MET B 99 -9.08 -3.79 -5.19
N SER B 100 -7.81 -3.93 -4.82
CA SER B 100 -6.78 -4.40 -5.76
C SER B 100 -6.87 -5.90 -6.10
N CYS B 101 -7.65 -6.67 -5.34
CA CYS B 101 -7.89 -8.09 -5.68
C CYS B 101 -8.74 -8.25 -6.93
N PHE B 102 -9.58 -7.25 -7.22
CA PHE B 102 -10.48 -7.32 -8.38
C PHE B 102 -9.65 -7.26 -9.67
N PRO B 103 -9.96 -8.15 -10.62
CA PRO B 103 -9.23 -8.18 -11.89
C PRO B 103 -9.75 -7.13 -12.87
N TRP B 104 -9.48 -5.87 -12.59
CA TRP B 104 -10.04 -4.76 -13.36
C TRP B 104 -9.62 -4.84 -14.83
N ALA B 105 -8.37 -5.28 -15.06
CA ALA B 105 -7.79 -5.28 -16.41
C ALA B 105 -7.81 -6.65 -17.10
N GLU B 106 -8.50 -7.63 -16.52
CA GLU B 106 -8.49 -8.99 -17.07
C GLU B 106 -9.19 -9.04 -18.42
N GLN B 109 -13.26 -11.55 -20.16
CA GLN B 109 -14.55 -11.84 -19.55
C GLN B 109 -14.55 -13.28 -19.06
N ASP B 110 -15.66 -13.70 -18.45
CA ASP B 110 -15.84 -15.07 -17.94
C ASP B 110 -15.03 -15.30 -16.66
N VAL B 111 -13.71 -15.33 -16.79
CA VAL B 111 -12.81 -15.39 -15.63
C VAL B 111 -12.92 -14.11 -14.80
N LYS B 112 -13.05 -12.97 -15.49
CA LYS B 112 -13.23 -11.67 -14.86
C LYS B 112 -14.55 -11.65 -14.09
N GLU B 113 -15.61 -12.06 -14.76
CA GLU B 113 -16.95 -12.11 -14.15
C GLU B 113 -16.98 -13.04 -12.93
N GLN B 114 -16.32 -14.19 -13.05
CA GLN B 114 -16.29 -15.17 -11.97
C GLN B 114 -15.56 -14.66 -10.73
N MET B 115 -14.41 -14.02 -10.93
CA MET B 115 -13.62 -13.48 -9.82
C MET B 115 -14.35 -12.33 -9.11
N PHE B 116 -15.03 -11.48 -9.87
CA PHE B 116 -15.85 -10.40 -9.27
C PHE B 116 -16.94 -11.00 -8.40
N ASN B 117 -17.64 -11.97 -8.95
CA ASN B 117 -18.72 -12.63 -8.23
C ASN B 117 -18.24 -13.27 -6.93
N GLU B 118 -17.12 -13.98 -6.99
CA GLU B 118 -16.52 -14.58 -5.80
C GLU B 118 -16.16 -13.52 -4.74
N LEU B 119 -15.42 -12.50 -5.15
CA LEU B 119 -14.97 -11.44 -4.23
C LEU B 119 -16.15 -10.72 -3.58
N LEU B 120 -17.13 -10.35 -4.39
CA LEU B 120 -18.29 -9.60 -3.87
C LEU B 120 -19.20 -10.46 -3.00
N THR B 121 -19.39 -11.71 -3.37
CA THR B 121 -20.34 -12.56 -2.66
C THR B 121 -19.74 -13.22 -1.41
N TYR B 122 -18.49 -13.68 -1.53
CA TYR B 122 -17.86 -14.50 -0.49
C TYR B 122 -16.92 -13.74 0.44
N ASN B 123 -16.32 -12.66 -0.05
CA ASN B 123 -15.30 -11.93 0.70
C ASN B 123 -15.72 -10.56 1.20
N ALA B 124 -16.47 -9.81 0.38
CA ALA B 124 -16.85 -8.45 0.74
C ALA B 124 -17.63 -8.37 2.06
N PRO B 125 -18.63 -9.24 2.26
CA PRO B 125 -19.37 -9.16 3.53
C PRO B 125 -18.49 -9.35 4.78
N HIS B 126 -17.47 -10.20 4.68
CA HIS B 126 -16.52 -10.43 5.76
C HIS B 126 -15.74 -9.15 6.08
N LEU B 127 -15.28 -8.47 5.04
CA LEU B 127 -14.55 -7.21 5.19
C LEU B 127 -15.45 -6.12 5.79
N MET B 128 -16.70 -6.03 5.34
CA MET B 128 -17.62 -5.05 5.87
C MET B 128 -17.82 -5.29 7.36
N GLN B 129 -17.95 -6.57 7.76
CA GLN B 129 -18.11 -6.90 9.17
C GLN B 129 -16.90 -6.42 9.97
N ASP B 130 -15.71 -6.70 9.48
CA ASP B 130 -14.48 -6.31 10.16
C ASP B 130 -14.34 -4.79 10.26
N LEU B 131 -14.73 -4.06 9.21
CA LEU B 131 -14.69 -2.59 9.22
C LEU B 131 -15.68 -2.02 10.24
N ASP B 132 -16.89 -2.59 10.29
CA ASP B 132 -17.92 -2.16 11.25
C ASP B 132 -17.43 -2.38 12.68
N THR B 133 -16.88 -3.57 12.91
CA THR B 133 -16.30 -3.94 14.20
C THR B 133 -15.20 -2.96 14.61
N TYR B 134 -14.29 -2.67 13.68
CA TYR B 134 -13.20 -1.73 13.91
C TYR B 134 -13.73 -0.33 14.24
N LEU B 135 -14.73 0.11 13.50
CA LEU B 135 -15.37 1.41 13.74
C LEU B 135 -15.93 1.45 15.15
N GLY B 136 -16.49 0.33 15.61
CA GLY B 136 -16.79 0.10 17.01
C GLY B 136 -17.75 1.10 17.63
N GLY B 137 -18.72 1.54 16.83
CA GLY B 137 -19.72 2.51 17.27
C GLY B 137 -19.27 3.96 17.26
N ARG B 138 -18.00 4.20 16.93
CA ARG B 138 -17.44 5.55 16.95
C ARG B 138 -17.91 6.32 15.71
N GLU B 139 -17.69 7.64 15.73
CA GLU B 139 -18.14 8.52 14.64
C GLU B 139 -17.30 8.37 13.38
N TRP B 140 -15.98 8.22 13.56
CA TRP B 140 -15.03 8.14 12.44
C TRP B 140 -14.14 6.91 12.62
N LEU B 141 -13.46 6.47 11.56
CA LEU B 141 -12.71 5.20 11.63
C LEU B 141 -11.51 5.30 12.58
N ILE B 142 -10.84 6.45 12.60
CA ILE B 142 -9.72 6.70 13.52
C ILE B 142 -9.95 7.97 14.33
N GLY B 143 -9.86 7.84 15.66
CA GLY B 143 -9.90 8.98 16.55
C GLY B 143 -11.23 9.70 16.58
N ASN B 144 -11.18 11.01 16.83
CA ASN B 144 -12.37 11.82 17.11
C ASN B 144 -12.81 12.73 15.98
N SER B 145 -12.13 12.65 14.83
CA SER B 145 -12.43 13.50 13.69
C SER B 145 -12.10 12.80 12.38
N VAL B 146 -12.58 13.38 11.29
CA VAL B 146 -12.39 12.79 9.96
C VAL B 146 -10.90 12.66 9.60
N THR B 147 -10.57 11.55 8.93
CA THR B 147 -9.25 11.39 8.31
C THR B 147 -9.43 10.97 6.87
N TRP B 148 -8.32 10.90 6.13
CA TRP B 148 -8.40 10.45 4.75
C TRP B 148 -8.75 8.95 4.64
N ALA B 149 -8.67 8.20 5.74
CA ALA B 149 -9.20 6.82 5.77
C ALA B 149 -10.72 6.81 5.60
N ASP B 150 -11.41 7.78 6.22
CA ASP B 150 -12.86 7.91 6.06
C ASP B 150 -13.22 8.23 4.61
N PHE B 151 -12.44 9.14 4.00
CA PHE B 151 -12.57 9.47 2.59
C PHE B 151 -12.43 8.20 1.74
N TYR B 152 -11.39 7.42 2.03
CA TYR B 152 -11.11 6.22 1.23
C TYR B 152 -12.18 5.17 1.43
N TRP B 153 -12.66 5.02 2.66
CA TRP B 153 -13.79 4.14 2.93
C TRP B 153 -14.98 4.51 2.04
N GLU B 154 -15.29 5.80 1.97
CA GLU B 154 -16.45 6.26 1.21
C GLU B 154 -16.25 6.03 -0.28
N ILE B 155 -15.03 6.28 -0.77
CA ILE B 155 -14.71 6.07 -2.18
C ILE B 155 -14.81 4.59 -2.57
N CYS B 156 -14.13 3.72 -1.82
CA CYS B 156 -14.14 2.30 -2.13
C CYS B 156 -15.53 1.68 -2.04
N SER B 157 -16.27 2.04 -1.00
CA SER B 157 -17.62 1.49 -0.82
C SER B 157 -18.57 1.99 -1.91
N THR B 158 -18.41 3.22 -2.36
CA THR B 158 -19.24 3.73 -3.49
C THR B 158 -19.08 2.84 -4.74
N THR B 159 -17.84 2.46 -5.05
CA THR B 159 -17.59 1.59 -6.19
C THR B 159 -18.07 0.17 -5.96
N LEU B 160 -17.88 -0.37 -4.76
CA LEU B 160 -18.39 -1.70 -4.45
C LEU B 160 -19.92 -1.74 -4.56
N LEU B 161 -20.59 -0.66 -4.14
CA LEU B 161 -22.06 -0.56 -4.24
C LEU B 161 -22.57 -0.62 -5.68
N VAL B 162 -21.76 -0.19 -6.64
CA VAL B 162 -22.16 -0.25 -8.06
C VAL B 162 -22.42 -1.70 -8.49
N PHE B 163 -21.59 -2.62 -7.97
CA PHE B 163 -21.67 -4.03 -8.29
C PHE B 163 -22.53 -4.85 -7.32
N LYS B 164 -22.66 -4.35 -6.09
CA LYS B 164 -23.32 -5.07 -5.01
C LYS B 164 -24.15 -4.08 -4.19
N PRO B 165 -25.38 -3.78 -4.64
CA PRO B 165 -26.25 -2.80 -3.97
C PRO B 165 -26.58 -3.11 -2.50
N ASP B 166 -26.51 -4.39 -2.12
CA ASP B 166 -26.85 -4.80 -0.75
C ASP B 166 -25.64 -4.85 0.19
N LEU B 167 -24.50 -4.33 -0.27
CA LEU B 167 -23.23 -4.38 0.47
C LEU B 167 -23.36 -4.04 1.95
N LEU B 168 -24.13 -3.00 2.26
CA LEU B 168 -24.20 -2.48 3.62
C LEU B 168 -25.57 -2.65 4.27
N ASP B 169 -26.40 -3.55 3.71
CA ASP B 169 -27.72 -3.79 4.26
C ASP B 169 -27.71 -4.30 5.71
N ASN B 170 -26.64 -4.99 6.11
CA ASN B 170 -26.44 -5.43 7.50
C ASN B 170 -25.55 -4.49 8.33
N HIS B 171 -25.20 -3.34 7.77
CA HIS B 171 -24.26 -2.43 8.43
C HIS B 171 -24.73 -0.98 8.37
N PRO B 172 -25.85 -0.68 9.07
CA PRO B 172 -26.33 0.70 9.15
C PRO B 172 -25.26 1.72 9.60
N ARG B 173 -24.35 1.32 10.48
CA ARG B 173 -23.31 2.26 10.96
C ARG B 173 -22.31 2.64 9.87
N LEU B 174 -22.04 1.72 8.95
CA LEU B 174 -21.20 1.99 7.79
C LEU B 174 -21.90 2.91 6.77
N VAL B 175 -23.21 2.77 6.64
CA VAL B 175 -24.00 3.71 5.82
C VAL B 175 -23.97 5.12 6.42
N THR B 176 -24.17 5.20 7.72
CA THR B 176 -24.07 6.47 8.44
C THR B 176 -22.72 7.16 8.24
N LEU B 177 -21.63 6.40 8.29
CA LEU B 177 -20.29 6.95 8.06
C LEU B 177 -20.12 7.50 6.65
N ARG B 178 -20.58 6.74 5.65
CA ARG B 178 -20.60 7.21 4.27
C ARG B 178 -21.31 8.56 4.15
N LYS B 179 -22.50 8.65 4.73
CA LYS B 179 -23.30 9.87 4.65
C LYS B 179 -22.61 11.04 5.34
N LYS B 180 -21.98 10.77 6.48
CA LYS B 180 -21.21 11.78 7.21
C LYS B 180 -20.06 12.34 6.35
N VAL B 181 -19.30 11.45 5.70
CA VAL B 181 -18.24 11.85 4.77
C VAL B 181 -18.81 12.69 3.62
N GLN B 182 -19.90 12.21 3.04
CA GLN B 182 -20.56 12.87 1.91
C GLN B 182 -21.13 14.25 2.23
N ALA B 183 -21.38 14.52 3.50
CA ALA B 183 -21.94 15.79 3.96
C ALA B 183 -20.87 16.83 4.32
N ILE B 184 -19.62 16.41 4.50
CA ILE B 184 -18.52 17.35 4.74
C ILE B 184 -18.55 18.36 3.57
N PRO B 185 -18.60 19.67 3.87
CA PRO B 185 -18.90 20.67 2.82
C PRO B 185 -18.06 20.56 1.54
N ALA B 186 -16.73 20.54 1.68
CA ALA B 186 -15.84 20.40 0.52
C ALA B 186 -16.06 19.11 -0.25
N VAL B 187 -16.33 18.01 0.46
CA VAL B 187 -16.59 16.72 -0.18
C VAL B 187 -17.94 16.76 -0.89
N ALA B 188 -18.97 17.26 -0.22
CA ALA B 188 -20.30 17.43 -0.84
C ALA B 188 -20.21 18.28 -2.11
N ASN B 189 -19.44 19.36 -2.06
CA ASN B 189 -19.28 20.24 -3.22
C ASN B 189 -18.62 19.50 -4.39
N TRP B 190 -17.58 18.71 -4.10
CA TRP B 190 -16.90 17.92 -5.13
C TRP B 190 -17.83 16.84 -5.71
N ILE B 191 -18.53 16.13 -4.82
CA ILE B 191 -19.45 15.07 -5.25
C ILE B 191 -20.50 15.59 -6.23
N LYS B 192 -21.05 16.77 -5.98
CA LYS B 192 -22.09 17.30 -6.86
C LYS B 192 -21.51 17.81 -8.19
N ARG B 193 -20.23 18.21 -8.20
CA ARG B 193 -19.60 18.85 -9.36
C ARG B 193 -18.77 17.94 -10.25
N ARG B 194 -18.27 16.84 -9.68
CA ARG B 194 -17.34 15.97 -10.42
C ARG B 194 -17.98 15.35 -11.65
N PRO B 195 -17.16 15.00 -12.66
CA PRO B 195 -17.74 14.27 -13.79
C PRO B 195 -18.40 12.98 -13.34
N GLN B 196 -19.58 12.71 -13.88
CA GLN B 196 -20.32 11.50 -13.57
C GLN B 196 -19.78 10.34 -14.42
N THR B 197 -19.14 9.38 -13.77
CA THR B 197 -18.63 8.18 -14.43
C THR B 197 -19.11 6.96 -13.63
N LYS B 198 -19.15 5.80 -14.26
CA LYS B 198 -19.56 4.58 -13.55
C LYS B 198 -18.58 4.25 -12.41
N LEU B 199 -17.29 4.24 -12.73
CA LEU B 199 -16.25 3.82 -11.80
C LEU B 199 -15.25 4.95 -11.51
MG MG C . -0.72 -1.70 -1.09
O1 0O4 D . 4.09 -18.19 0.97
C2 0O4 D . 3.51 -17.17 1.34
N3 0O4 D . 2.34 -17.26 1.99
C4 0O4 D . 1.63 -18.51 2.32
C5 0O4 D . 1.82 -18.68 3.83
N6 0O4 D . 1.68 -20.07 4.28
C11 0O4 D . 2.12 -20.37 5.64
C10 0O4 D . 2.37 -21.87 5.74
O9 0O4 D . 1.18 -22.61 5.46
C8 0O4 D . 0.35 -22.05 4.42
C7 0O4 D . 1.13 -21.15 3.46
C12 0O4 D . 4.15 -15.85 1.07
C13 0O4 D . 5.34 -15.76 0.33
C17 0O4 D . 3.57 -14.67 1.54
C16 0O4 D . 4.18 -13.44 1.30
C15 0O4 D . 5.34 -13.35 0.52
C14 0O4 D . 5.94 -14.52 0.08
C18 0O4 D . 5.95 -12.01 0.35
N19 0O4 D . 7.28 -11.91 0.64
C20 0O4 D . 7.93 -10.74 0.58
C27 0O4 D . 5.23 -10.87 -0.01
C26 0O4 D . 3.87 -10.90 -0.34
C25 0O4 D . 3.20 -9.73 -0.68
C22 0O4 D . 5.90 -9.65 -0.08
C21 0O4 D . 7.25 -9.58 0.22
C23 0O4 D . 5.22 -8.49 -0.43
C24 0O4 D . 3.88 -8.54 -0.74
CB1 GSF E . -1.55 -8.42 3.78
CB1 GSF E . -1.54 -8.35 3.77
CG1 GSF E . -1.34 -9.45 4.90
CG1 GSF E . -1.54 -9.30 4.96
CD1 GSF E . -1.76 -10.84 4.44
CD1 GSF E . -1.94 -10.70 4.52
OE1 GSF E . -2.61 -10.97 3.57
OE1 GSF E . -2.68 -10.87 3.55
C1 GSF E . -0.02 -6.82 5.00
C1 GSF E . 0.04 -6.72 4.89
O11 GSF E . -0.05 -6.97 6.24
O11 GSF E . 0.06 -6.84 6.13
O12 GSF E . 1.03 -6.51 4.40
O12 GSF E . 1.05 -6.42 4.23
N1 GSF E . -1.22 -6.15 3.03
N1 GSF E . -1.26 -6.06 2.98
CA1 GSF E . -1.30 -6.98 4.22
CA1 GSF E . -1.28 -6.89 4.17
N2 GSF E . -1.16 -11.89 5.02
N2 GSF E . -1.43 -11.71 5.22
CA2 GSF E . -1.51 -13.26 4.65
CA2 GSF E . -1.71 -13.12 4.94
CB2 GSF E . -0.47 -14.21 5.25
CB2 GSF E . -0.45 -13.91 5.31
SG2 GSF E . 0.90 -14.28 4.30
SG2 GSF E . 0.75 -13.90 4.13
O1S GSF E . 0.44 -14.48 2.75
O1S GSF E . 1.56 -15.30 4.30
O2S GSF E . 1.70 -12.88 4.51
O2S GSF E . 0.11 -13.77 2.64
C2 GSF E . -2.81 -13.63 5.29
C2 GSF E . -2.80 -13.64 5.83
O2 GSF E . -3.13 -13.12 6.35
O2 GSF E . -2.71 -13.49 7.05
N3 GSF E . -3.57 -14.54 4.66
N3 GSF E . -3.84 -14.26 5.27
CA3 GSF E . -4.86 -15.04 5.11
CA3 GSF E . -4.98 -14.83 5.97
C3 GSF E . -4.69 -16.24 6.02
C3 GSF E . -5.29 -16.23 5.48
O31 GSF E . -5.66 -16.56 6.75
O31 GSF E . -6.33 -16.78 5.89
O32 GSF E . -3.62 -16.89 6.01
O32 GSF E . -4.49 -16.78 4.69
O1 0O4 F . -11.74 -0.24 -14.25
C2 0O4 F . -10.72 0.16 -13.71
N3 0O4 F . -9.61 0.39 -14.42
C4 0O4 F . -9.40 0.20 -15.85
C5 0O4 F . -9.86 1.54 -16.46
N6 0O4 F . -9.77 1.42 -17.91
C11 0O4 F . -8.62 2.00 -18.59
C10 0O4 F . -8.90 1.95 -20.09
O9 0O4 F . -10.22 2.45 -20.33
C8 0O4 F . -11.25 1.59 -19.83
C7 0O4 F . -10.81 0.71 -18.66
C12 0O4 F . -10.74 0.44 -12.24
C13 0O4 F . -11.93 0.44 -11.51
C17 0O4 F . -9.54 0.73 -11.59
C16 0O4 F . -9.55 1.01 -10.24
C15 0O4 F . -10.74 0.98 -9.50
C14 0O4 F . -11.94 0.74 -10.15
C18 0O4 F . -10.66 1.34 -8.06
N19 0O4 F . -11.57 2.24 -7.60
C20 0O4 F . -11.57 2.69 -6.34
C27 0O4 F . -9.67 0.85 -7.19
C26 0O4 F . -8.69 -0.07 -7.58
C25 0O4 F . -7.74 -0.52 -6.66
C22 0O4 F . -9.66 1.32 -5.87
C21 0O4 F . -10.60 2.23 -5.45
C23 0O4 F . -8.71 0.87 -4.97
C24 0O4 F . -7.75 -0.04 -5.36
CB1 GSF G . -1.65 1.03 -8.89
CG1 GSF G . -1.70 1.86 -10.18
CD1 GSF G . -2.21 1.05 -11.36
OE1 GSF G . -2.01 -0.17 -11.44
C1 GSF G . -1.64 3.00 -7.31
O11 GSF G . -1.24 4.05 -7.86
O12 GSF G . -2.54 3.00 -6.43
N1 GSF G . -1.07 0.81 -6.54
CA1 GSF G . -0.99 1.70 -7.68
N2 GSF G . -2.87 1.74 -12.28
CA2 GSF G . -3.40 1.15 -13.50
CB2 GSF G . -4.61 1.95 -13.99
SG2 GSF G . -6.03 1.70 -13.14
O1S GSF G . -5.95 2.55 -11.77
O2S GSF G . -7.26 2.24 -14.02
C2 GSF G . -2.34 1.27 -14.56
O2 GSF G . -1.77 2.34 -14.71
N3 GSF G . -2.07 0.18 -15.26
CA3 GSF G . -1.09 0.06 -16.34
C3 GSF G . -1.75 0.24 -17.69
O31 GSF G . -1.02 0.22 -18.71
O32 GSF G . -2.98 0.41 -17.78
#